data_2O0A
#
_entry.id   2O0A
#
_cell.length_a   46.524
_cell.length_b   70.129
_cell.length_c   79.861
_cell.angle_alpha   90.000
_cell.angle_beta   90.000
_cell.angle_gamma   90.000
#
_symmetry.space_group_name_H-M   'P 21 21 21'
#
loop_
_entity.id
_entity.type
_entity.pdbx_description
1 polymer 'S.cerevisiae chromosome XVI reading frame ORF YPL253c'
2 non-polymer 1,2-ETHANEDIOL
3 water water
#
_entity_poly.entity_id   1
_entity_poly.type   'polypeptide(L)'
_entity_poly.pdbx_seq_one_letter_code
;GASTVEKELLRSRRLENSIIEQKGTMRCYAYVMEQNLPENLLFDYENGVITQGLSEHVYKFNRVIPHLKVSEDKFFTQEY
SVYHDMCLNQKKNFNLISLSTTPHGSLRESLIKFLAEKDTIYQKQYVITLQFVFLSDDEFSQDMLLDYSHNDKDSIKLKF
EKHSISLDSKLVIIENGLEDLPLNFSCDEHPNLPHSGMGIIKVQFFPRDSKSDGNNDPVPVDFYFIELNNLKSIEQFDKS
IFKKESCETPIALVLKKLISDTKSFFLLNLNDSKNVNKLLTISEEVQTQLCKRKKKLT
;
_entity_poly.pdbx_strand_id   A
#
loop_
_chem_comp.id
_chem_comp.type
_chem_comp.name
_chem_comp.formula
EDO non-polymer 1,2-ETHANEDIOL 'C2 H6 O2'
#
# COMPACT_ATOMS: atom_id res chain seq x y z
N ALA A 2 -20.77 11.53 16.26
CA ALA A 2 -19.29 11.37 16.39
C ALA A 2 -18.69 12.40 17.35
N SER A 3 -17.60 11.99 18.00
CA SER A 3 -16.87 12.85 18.91
C SER A 3 -16.28 14.03 18.14
N THR A 4 -15.94 15.09 18.86
CA THR A 4 -15.33 16.27 18.25
C THR A 4 -14.08 15.89 17.46
N VAL A 5 -13.21 15.10 18.08
CA VAL A 5 -11.96 14.71 17.41
C VAL A 5 -12.20 13.90 16.13
N GLU A 6 -13.18 12.98 16.18
CA GLU A 6 -13.50 12.15 15.01
C GLU A 6 -14.09 12.98 13.88
N LYS A 7 -14.93 13.95 14.23
CA LYS A 7 -15.46 14.90 13.24
C LYS A 7 -14.34 15.69 12.59
N GLU A 8 -13.42 16.18 13.42
CA GLU A 8 -12.32 17.01 12.93
C GLU A 8 -11.39 16.18 12.07
N LEU A 9 -11.17 14.92 12.47
CA LEU A 9 -10.29 14.01 11.70
C LEU A 9 -10.83 13.78 10.29
N LEU A 10 -12.12 13.45 10.21
CA LEU A 10 -12.76 13.15 8.92
C LEU A 10 -12.70 14.36 7.99
N ARG A 11 -13.03 15.52 8.53
CA ARG A 11 -12.98 16.76 7.76
C ARG A 11 -11.57 17.03 7.25
N SER A 12 -10.58 16.86 8.13
CA SER A 12 -9.18 17.08 7.80
C SER A 12 -8.71 16.12 6.71
N ARG A 13 -9.03 14.84 6.83
CA ARG A 13 -8.53 13.90 5.82
C ARG A 13 -9.13 14.14 4.44
N ARG A 14 -10.38 14.61 4.39
CA ARG A 14 -10.99 15.01 3.13
C ARG A 14 -10.27 16.21 2.51
N LEU A 15 -9.97 17.20 3.35
CA LEU A 15 -9.25 18.40 2.87
C LEU A 15 -7.81 18.07 2.44
N GLU A 16 -7.16 17.19 3.19
CA GLU A 16 -5.79 16.79 2.86
C GLU A 16 -5.73 16.12 1.51
N ASN A 17 -6.68 15.21 1.28
CA ASN A 17 -6.73 14.51 0.02
C ASN A 17 -6.97 15.45 -1.17
N SER A 18 -7.79 16.48 -0.95
CA SER A 18 -8.07 17.45 -2.00
C SER A 18 -6.82 18.24 -2.34
N ILE A 19 -6.05 18.63 -1.32
CA ILE A 19 -4.82 19.39 -1.53
C ILE A 19 -3.82 18.55 -2.32
N ILE A 20 -3.73 17.26 -1.97
CA ILE A 20 -2.82 16.35 -2.65
C ILE A 20 -3.19 16.28 -4.13
N GLU A 21 -4.48 16.18 -4.41
CA GLU A 21 -4.96 16.14 -5.79
C GLU A 21 -4.58 17.41 -6.53
N GLN A 22 -4.83 18.55 -5.88
CA GLN A 22 -4.55 19.87 -6.48
C GLN A 22 -3.07 20.07 -6.80
N LYS A 23 -2.20 19.56 -5.94
CA LYS A 23 -0.75 19.77 -6.06
C LYS A 23 -0.02 18.65 -6.84
N GLY A 24 -0.78 17.66 -7.31
CA GLY A 24 -0.25 16.55 -8.10
C GLY A 24 0.85 15.80 -7.35
N THR A 25 0.72 15.77 -6.04
CA THR A 25 1.72 15.22 -5.13
C THR A 25 1.65 13.69 -5.14
N MET A 26 2.82 13.05 -5.07
CA MET A 26 2.89 11.61 -4.94
C MET A 26 2.70 11.24 -3.46
N ARG A 27 1.65 10.46 -3.18
CA ARG A 27 1.29 10.13 -1.81
C ARG A 27 2.35 9.24 -1.15
N CYS A 28 2.81 9.68 0.01
CA CYS A 28 3.80 8.95 0.80
C CYS A 28 3.54 9.20 2.29
N TYR A 29 3.15 8.13 2.97
CA TYR A 29 2.74 8.20 4.36
C TYR A 29 3.67 7.37 5.20
N ALA A 30 3.99 7.84 6.41
CA ALA A 30 4.79 7.05 7.35
C ALA A 30 3.88 6.52 8.44
N TYR A 31 3.94 5.21 8.68
CA TYR A 31 3.15 4.57 9.71
C TYR A 31 4.17 4.04 10.70
N VAL A 32 4.23 4.65 11.88
CA VAL A 32 5.45 4.53 12.70
C VAL A 32 5.18 3.92 14.07
N MET A 33 6.12 3.09 14.54
CA MET A 33 6.09 2.58 15.91
C MET A 33 7.17 3.31 16.72
N GLU A 34 6.80 4.50 17.22
CA GLU A 34 7.75 5.43 17.85
C GLU A 34 8.54 4.75 18.98
N GLN A 35 7.86 3.89 19.74
CA GLN A 35 8.49 3.28 20.91
C GLN A 35 9.60 2.30 20.53
N ASN A 36 9.59 1.84 19.28
CA ASN A 36 10.64 0.94 18.77
C ASN A 36 11.62 1.60 17.81
N LEU A 37 11.57 2.92 17.75
CA LEU A 37 12.45 3.70 16.90
C LEU A 37 13.42 4.50 17.78
N PRO A 38 14.52 4.99 17.19
CA PRO A 38 15.51 5.72 18.00
C PRO A 38 14.94 6.93 18.73
N GLU A 39 15.43 7.15 19.96
CA GLU A 39 14.94 8.26 20.78
C GLU A 39 15.28 9.64 20.19
N ASN A 40 16.32 9.69 19.37
CA ASN A 40 16.75 10.95 18.75
C ASN A 40 16.01 11.28 17.46
N LEU A 41 15.15 10.36 17.01
CA LEU A 41 14.22 10.68 15.93
C LEU A 41 13.10 11.54 16.50
N LEU A 42 12.81 12.65 15.83
CA LEU A 42 11.76 13.56 16.28
C LEU A 42 10.55 13.43 15.38
N PHE A 43 9.38 13.31 15.98
CA PHE A 43 8.14 13.13 15.23
C PHE A 43 7.21 14.30 15.39
N ASP A 44 6.85 14.91 14.27
CA ASP A 44 5.85 15.96 14.24
C ASP A 44 4.58 15.40 13.57
N TYR A 45 3.65 14.95 14.40
CA TYR A 45 2.44 14.28 13.92
C TYR A 45 1.41 15.26 13.34
N GLU A 46 1.54 16.54 13.71
CA GLU A 46 0.66 17.57 13.15
C GLU A 46 1.07 17.99 11.74
N ASN A 47 2.38 18.08 11.50
CA ASN A 47 2.87 18.63 10.23
C ASN A 47 3.49 17.58 9.33
N GLY A 48 3.54 16.34 9.82
CA GLY A 48 3.98 15.19 9.03
C GLY A 48 5.48 15.20 8.79
N VAL A 49 6.23 15.40 9.85
CA VAL A 49 7.68 15.53 9.73
C VAL A 49 8.37 14.52 10.64
N ILE A 50 9.40 13.84 10.13
CA ILE A 50 10.33 13.07 10.95
C ILE A 50 11.70 13.69 10.75
N THR A 51 12.32 14.11 11.84
CA THR A 51 13.63 14.75 11.80
C THR A 51 14.68 13.90 12.51
N GLN A 52 15.81 13.67 11.84
CA GLN A 52 16.94 12.98 12.45
C GLN A 52 17.65 13.95 13.39
N GLY A 53 17.70 13.62 14.68
CA GLY A 53 18.14 14.55 15.72
C GLY A 53 19.59 15.00 15.70
N LEU A 54 20.47 14.18 15.11
CA LEU A 54 21.90 14.51 15.08
C LEU A 54 22.34 15.04 13.71
N SER A 55 21.84 14.44 12.63
CA SER A 55 22.12 14.94 11.29
C SER A 55 21.30 16.22 11.01
N GLU A 56 20.22 16.39 11.77
CA GLU A 56 19.26 17.47 11.57
C GLU A 56 18.50 17.39 10.24
N HIS A 57 18.50 16.22 9.59
CA HIS A 57 17.82 16.05 8.30
C HIS A 57 16.30 15.95 8.48
N VAL A 58 15.56 16.72 7.69
CA VAL A 58 14.10 16.76 7.71
C VAL A 58 13.48 15.87 6.63
N TYR A 59 12.63 14.93 7.07
CA TYR A 59 11.88 14.06 6.17
C TYR A 59 10.39 14.31 6.33
N LYS A 60 9.76 14.79 5.28
CA LYS A 60 8.34 15.10 5.28
C LYS A 60 7.52 13.99 4.61
N PHE A 61 6.26 13.90 5.03
CA PHE A 61 5.32 12.91 4.52
C PHE A 61 3.97 13.60 4.43
N ASN A 62 3.06 13.04 3.64
CA ASN A 62 1.72 13.60 3.63
C ASN A 62 1.12 13.57 5.05
N ARG A 63 1.39 12.49 5.76
CA ARG A 63 1.04 12.38 7.17
C ARG A 63 1.94 11.33 7.82
N VAL A 64 2.28 11.57 9.08
CA VAL A 64 3.00 10.62 9.95
C VAL A 64 1.98 10.09 10.95
N ILE A 65 1.77 8.77 10.90
CA ILE A 65 0.70 8.13 11.61
C ILE A 65 1.24 7.26 12.73
N PRO A 66 0.86 7.54 13.99
CA PRO A 66 1.38 6.74 15.10
C PRO A 66 0.60 5.44 15.31
N HIS A 67 1.29 4.31 15.14
CA HIS A 67 0.70 3.00 15.33
C HIS A 67 0.16 2.72 16.75
N LEU A 68 0.76 3.33 17.78
CA LEU A 68 0.21 3.14 19.12
C LEU A 68 -1.15 3.81 19.29
N LYS A 69 -1.46 4.75 18.40
CA LYS A 69 -2.76 5.43 18.40
C LYS A 69 -3.70 4.88 17.33
N VAL A 70 -3.14 4.44 16.19
CA VAL A 70 -3.93 4.01 15.04
C VAL A 70 -3.61 2.55 14.71
N SER A 71 -4.55 1.65 15.05
CA SER A 71 -4.44 0.22 14.71
C SER A 71 -4.56 0.05 13.21
N GLU A 72 -4.21 -1.13 12.71
CA GLU A 72 -4.31 -1.36 11.26
C GLU A 72 -5.73 -1.21 10.72
N ASP A 73 -6.73 -1.68 11.47
CA ASP A 73 -8.12 -1.45 11.07
C ASP A 73 -8.47 0.04 10.98
N LYS A 74 -8.02 0.83 11.96
CA LYS A 74 -8.25 2.28 11.96
C LYS A 74 -7.46 2.99 10.85
N PHE A 75 -6.26 2.47 10.55
CA PHE A 75 -5.51 3.00 9.41
C PHE A 75 -6.39 3.00 8.17
N PHE A 76 -7.03 1.87 7.90
CA PHE A 76 -7.84 1.81 6.69
C PHE A 76 -9.08 2.68 6.74
N THR A 77 -9.81 2.63 7.85
CA THR A 77 -11.06 3.41 7.94
C THR A 77 -10.84 4.93 8.04
N GLN A 78 -9.78 5.33 8.73
CA GLN A 78 -9.53 6.74 9.05
C GLN A 78 -8.54 7.40 8.09
N GLU A 79 -7.46 6.69 7.79
CA GLU A 79 -6.34 7.32 7.10
C GLU A 79 -6.32 7.06 5.61
N TYR A 80 -6.83 5.89 5.22
CA TYR A 80 -6.73 5.43 3.82
C TYR A 80 -8.04 5.59 3.04
N SER A 81 -9.16 5.58 3.74
CA SER A 81 -10.47 5.46 3.09
C SER A 81 -10.83 6.61 2.15
N VAL A 82 -10.40 7.84 2.46
CA VAL A 82 -10.70 8.96 1.55
C VAL A 82 -10.06 8.77 0.15
N TYR A 83 -8.79 8.37 0.13
CA TYR A 83 -8.10 8.03 -1.11
C TYR A 83 -8.79 6.86 -1.83
N HIS A 84 -9.06 5.79 -1.09
CA HIS A 84 -9.70 4.62 -1.64
C HIS A 84 -11.04 4.95 -2.27
N ASP A 85 -11.86 5.68 -1.52
CA ASP A 85 -13.20 6.04 -1.99
C ASP A 85 -13.11 6.91 -3.24
N MET A 86 -12.16 7.83 -3.26
CA MET A 86 -11.98 8.71 -4.41
C MET A 86 -11.63 7.90 -5.65
N CYS A 87 -10.66 6.99 -5.53
CA CYS A 87 -10.24 6.19 -6.70
C CYS A 87 -11.39 5.35 -7.23
N LEU A 88 -12.17 4.73 -6.33
CA LEU A 88 -13.35 3.98 -6.77
C LEU A 88 -14.39 4.88 -7.44
N ASN A 89 -14.70 6.01 -6.79
CA ASN A 89 -15.68 6.95 -7.34
C ASN A 89 -15.30 7.44 -8.73
N GLN A 90 -14.02 7.72 -8.91
CA GLN A 90 -13.49 8.23 -10.18
C GLN A 90 -13.19 7.13 -11.18
N LYS A 91 -13.37 5.88 -10.76
CA LYS A 91 -13.06 4.71 -11.60
C LYS A 91 -11.60 4.72 -12.08
N LYS A 92 -10.69 5.06 -11.17
CA LYS A 92 -9.27 5.13 -11.49
C LYS A 92 -8.60 3.93 -10.87
N ASN A 93 -7.96 3.11 -11.70
CA ASN A 93 -7.13 2.01 -11.20
C ASN A 93 -6.07 2.57 -10.28
N PHE A 94 -5.81 1.86 -9.18
CA PHE A 94 -5.02 2.46 -8.11
C PHE A 94 -4.26 1.43 -7.31
N ASN A 95 -3.41 1.91 -6.41
CA ASN A 95 -2.57 1.00 -5.65
C ASN A 95 -2.29 1.45 -4.24
N LEU A 96 -1.80 0.49 -3.45
CA LEU A 96 -1.21 0.75 -2.16
C LEU A 96 0.10 -0.01 -2.16
N ILE A 97 1.22 0.73 -2.09
CA ILE A 97 2.55 0.12 -2.12
C ILE A 97 3.12 0.24 -0.71
N SER A 98 3.22 -0.90 -0.02
CA SER A 98 3.58 -0.94 1.39
C SER A 98 5.01 -1.46 1.55
N LEU A 99 5.86 -0.65 2.18
CA LEU A 99 7.25 -1.01 2.49
C LEU A 99 7.36 -1.32 3.97
N SER A 100 7.93 -2.48 4.26
CA SER A 100 8.07 -2.97 5.64
C SER A 100 9.41 -3.67 5.74
N THR A 101 9.98 -3.75 6.94
CA THR A 101 11.22 -4.52 7.09
C THR A 101 11.04 -5.74 8.01
N THR A 102 9.80 -5.94 8.46
CA THR A 102 9.42 -7.08 9.28
C THR A 102 8.12 -7.66 8.73
N PRO A 103 7.81 -8.92 9.06
CA PRO A 103 6.55 -9.53 8.65
C PRO A 103 5.37 -8.63 8.97
N HIS A 104 4.51 -8.39 7.98
CA HIS A 104 3.35 -7.52 8.15
C HIS A 104 2.03 -8.13 7.65
N GLY A 105 1.79 -9.40 7.98
CA GLY A 105 0.52 -10.04 7.61
C GLY A 105 -0.71 -9.37 8.18
N SER A 106 -0.60 -8.75 9.35
CA SER A 106 -1.75 -8.11 9.96
C SER A 106 -2.29 -6.95 9.11
N LEU A 107 -1.39 -6.26 8.41
CA LEU A 107 -1.81 -5.17 7.53
C LEU A 107 -2.62 -5.71 6.36
N ARG A 108 -2.13 -6.80 5.79
CA ARG A 108 -2.81 -7.50 4.72
C ARG A 108 -4.22 -7.96 5.13
N GLU A 109 -4.30 -8.57 6.31
CA GLU A 109 -5.55 -9.02 6.92
C GLU A 109 -6.53 -7.84 7.06
N SER A 110 -6.02 -6.75 7.64
CA SER A 110 -6.83 -5.56 7.86
C SER A 110 -7.34 -4.95 6.56
N LEU A 111 -6.48 -4.98 5.54
CA LEU A 111 -6.86 -4.45 4.24
C LEU A 111 -8.05 -5.21 3.70
N ILE A 112 -7.97 -6.53 3.70
CA ILE A 112 -9.02 -7.36 3.12
C ILE A 112 -10.34 -7.18 3.87
N LYS A 113 -10.26 -7.08 5.19
CA LYS A 113 -11.45 -6.86 6.00
C LYS A 113 -12.11 -5.52 5.68
N PHE A 114 -11.30 -4.48 5.54
CA PHE A 114 -11.76 -3.14 5.17
C PHE A 114 -12.50 -3.16 3.83
N LEU A 115 -11.97 -3.90 2.88
CA LEU A 115 -12.55 -3.96 1.53
C LEU A 115 -13.77 -4.85 1.48
N ALA A 116 -13.68 -6.02 2.09
CA ALA A 116 -14.51 -7.12 1.62
C ALA A 116 -15.23 -7.96 2.66
N GLU A 117 -15.22 -7.54 3.92
CA GLU A 117 -16.16 -8.14 4.89
C GLU A 117 -17.59 -7.98 4.36
N LYS A 118 -18.47 -8.95 4.71
CA LYS A 118 -19.86 -8.98 4.25
C LYS A 118 -20.62 -7.67 4.49
N ASP A 119 -20.19 -6.87 5.47
CA ASP A 119 -20.89 -5.65 5.87
C ASP A 119 -20.27 -4.34 5.38
N THR A 120 -19.33 -4.42 4.44
CA THR A 120 -18.74 -3.18 3.94
C THR A 120 -19.60 -2.56 2.86
N ILE A 121 -19.45 -1.25 2.73
CA ILE A 121 -20.13 -0.53 1.68
C ILE A 121 -19.66 -1.03 0.32
N TYR A 122 -18.42 -1.51 0.25
CA TYR A 122 -17.84 -1.94 -1.03
C TYR A 122 -18.50 -3.19 -1.52
N GLN A 123 -18.82 -4.11 -0.60
CA GLN A 123 -19.61 -5.32 -0.94
C GLN A 123 -21.03 -4.98 -1.40
N LYS A 124 -21.58 -3.86 -0.93
CA LYS A 124 -22.93 -3.48 -1.37
C LYS A 124 -22.96 -3.01 -2.81
N GLN A 125 -21.87 -2.40 -3.23
CA GLN A 125 -21.77 -1.74 -4.53
C GLN A 125 -21.08 -2.59 -5.60
N TYR A 126 -20.27 -3.55 -5.18
CA TYR A 126 -19.39 -4.29 -6.09
C TYR A 126 -19.34 -5.76 -5.78
N VAL A 127 -19.10 -6.58 -6.82
CA VAL A 127 -18.58 -7.92 -6.60
C VAL A 127 -17.05 -7.81 -6.63
N ILE A 128 -16.42 -8.40 -5.64
CA ILE A 128 -14.99 -8.19 -5.38
C ILE A 128 -14.21 -9.48 -5.61
N THR A 129 -13.14 -9.40 -6.41
CA THR A 129 -12.28 -10.56 -6.61
C THR A 129 -10.87 -10.30 -6.08
N LEU A 130 -10.14 -11.38 -5.85
CA LEU A 130 -8.77 -11.27 -5.37
C LEU A 130 -7.86 -12.33 -5.97
N GLN A 131 -6.66 -11.88 -6.33
CA GLN A 131 -5.54 -12.78 -6.65
C GLN A 131 -4.36 -12.35 -5.80
N PHE A 132 -3.45 -13.28 -5.53
CA PHE A 132 -2.33 -13.00 -4.64
C PHE A 132 -1.16 -13.87 -5.10
N VAL A 133 -0.12 -13.21 -5.58
CA VAL A 133 1.09 -13.91 -6.01
C VAL A 133 2.32 -13.35 -5.30
N PHE A 134 3.41 -14.12 -5.33
CA PHE A 134 4.68 -13.65 -4.79
C PHE A 134 5.78 -13.83 -5.85
N LEU A 135 6.53 -12.75 -6.09
CA LEU A 135 7.64 -12.77 -7.04
C LEU A 135 8.95 -12.71 -6.27
N SER A 136 9.84 -13.67 -6.52
CA SER A 136 11.13 -13.71 -5.85
C SER A 136 12.23 -13.23 -6.77
N ASP A 137 13.25 -12.60 -6.19
CA ASP A 137 14.41 -12.10 -6.94
C ASP A 137 14.92 -13.16 -7.92
N ASP A 138 15.54 -14.21 -7.39
CA ASP A 138 15.96 -15.34 -8.20
C ASP A 138 14.75 -15.99 -8.87
N GLU A 139 14.73 -15.95 -10.19
CA GLU A 139 13.63 -16.53 -10.95
N PHE A 140 11.94 -16.69 -9.02
CA PHE A 140 10.93 -17.59 -8.47
C PHE A 140 9.56 -16.90 -8.41
N SER A 141 8.49 -17.68 -8.58
CA SER A 141 7.13 -17.15 -8.39
C SER A 141 6.21 -18.16 -7.74
N GLN A 142 5.25 -17.66 -6.95
CA GLN A 142 4.35 -18.53 -6.21
C GLN A 142 2.93 -17.97 -6.25
N ASP A 143 1.97 -18.86 -6.46
CA ASP A 143 0.55 -18.49 -6.37
C ASP A 143 0.16 -18.67 -4.92
N MET A 144 -0.05 -17.55 -4.21
CA MET A 144 -0.31 -17.61 -2.77
C MET A 144 -1.69 -18.12 -2.40
N LEU A 145 -2.55 -18.32 -3.40
CA LEU A 145 -3.88 -18.87 -3.16
C LEU A 145 -3.94 -20.39 -3.37
N LEU A 146 -2.77 -20.95 -3.70
CA LEU A 146 -2.60 -22.40 -3.85
C LEU A 146 -1.46 -22.91 -2.96
N ASP A 147 -1.22 -24.21 -3.00
CA ASP A 147 -0.06 -24.80 -2.29
C ASP A 147 1.26 -24.54 -3.02
N TYR A 148 2.34 -24.54 -2.25
CA TYR A 148 3.71 -24.31 -2.75
C TYR A 148 4.08 -25.12 -4.00
C ASP A 154 4.81 -20.57 -13.54
N SER A 155 4.97 -20.89 -12.26
CA SER A 155 3.83 -21.07 -11.34
C SER A 155 2.71 -20.04 -11.54
N ILE A 156 3.11 -18.78 -11.70
CA ILE A 156 2.21 -17.72 -12.18
C ILE A 156 2.84 -16.96 -13.35
N LYS A 157 1.99 -16.32 -14.14
CA LYS A 157 2.45 -15.51 -15.27
C LYS A 157 1.82 -14.11 -15.21
N LEU A 158 2.57 -13.11 -15.68
CA LEU A 158 2.08 -11.74 -15.74
C LEU A 158 1.98 -11.26 -17.18
N LYS A 159 0.89 -10.55 -17.46
CA LYS A 159 0.64 -9.97 -18.77
C LYS A 159 0.33 -8.47 -18.63
N PHE A 160 1.16 -7.65 -19.26
CA PHE A 160 0.98 -6.21 -19.18
C PHE A 160 0.02 -5.71 -20.26
N GLU A 161 -1.14 -5.26 -19.81
CA GLU A 161 -2.16 -4.74 -20.70
C GLU A 161 -1.99 -3.23 -20.82
N LYS A 162 -2.81 -2.59 -21.65
CA LYS A 162 -2.74 -1.15 -21.84
C LYS A 162 -2.75 -0.36 -20.52
N HIS A 163 -3.68 -0.73 -19.63
CA HIS A 163 -3.92 0.01 -18.38
C HIS A 163 -3.98 -0.88 -17.13
N SER A 164 -3.58 -2.14 -17.27
CA SER A 164 -3.67 -3.11 -16.17
C SER A 164 -2.51 -4.10 -16.19
N ILE A 165 -2.43 -4.93 -15.14
CA ILE A 165 -1.56 -6.10 -15.15
C ILE A 165 -2.46 -7.31 -14.97
N SER A 166 -2.39 -8.24 -15.92
CA SER A 166 -3.10 -9.50 -15.83
C SER A 166 -2.25 -10.53 -15.12
N LEU A 167 -2.84 -11.13 -14.10
CA LEU A 167 -2.21 -12.22 -13.36
C LEU A 167 -2.84 -13.52 -13.83
N ASP A 168 -2.00 -14.44 -14.30
CA ASP A 168 -2.41 -15.79 -14.56
C ASP A 168 -2.12 -16.52 -13.26
N SER A 169 -3.14 -16.53 -12.38
CA SER A 169 -3.05 -17.12 -11.06
C SER A 169 -4.47 -17.29 -10.56
N LYS A 170 -4.63 -18.09 -9.51
CA LYS A 170 -5.94 -18.37 -8.95
C LYS A 170 -6.67 -17.10 -8.55
N LEU A 171 -7.92 -16.99 -9.00
CA LEU A 171 -8.79 -15.87 -8.66
C LEU A 171 -9.96 -16.34 -7.83
N VAL A 172 -10.22 -15.62 -6.74
CA VAL A 172 -11.33 -15.93 -5.85
C VAL A 172 -12.31 -14.75 -5.83
N ILE A 173 -13.60 -15.07 -5.87
CA ILE A 173 -14.63 -14.07 -5.63
C ILE A 173 -14.93 -14.05 -4.14
N ILE A 174 -14.75 -12.90 -3.49
CA ILE A 174 -14.91 -12.79 -2.05
C ILE A 174 -16.35 -12.42 -1.66
N GLU A 175 -17.00 -13.29 -0.91
CA GLU A 175 -18.37 -13.02 -0.42
C GLU A 175 -18.33 -12.52 1.03
N ASN A 176 -17.54 -13.19 1.86
CA ASN A 176 -17.46 -12.90 3.29
C ASN A 176 -16.01 -12.71 3.74
N GLY A 177 -15.37 -11.68 3.23
CA GLY A 177 -14.03 -11.29 3.65
C GLY A 177 -13.03 -12.44 3.71
N LEU A 178 -12.31 -12.52 4.82
CA LEU A 178 -11.24 -13.50 4.98
C LEU A 178 -11.67 -14.97 4.89
N GLU A 179 -12.97 -15.21 5.04
CA GLU A 179 -13.56 -16.57 5.02
C GLU A 179 -13.43 -17.27 3.66
N ASP A 180 -13.30 -16.48 2.61
CA ASP A 180 -13.16 -17.02 1.26
C ASP A 180 -11.72 -17.20 0.85
N LEU A 181 -10.81 -16.82 1.75
CA LEU A 181 -9.39 -16.90 1.45
C LEU A 181 -8.73 -18.01 2.26
N PRO A 182 -7.54 -18.47 1.83
CA PRO A 182 -6.91 -19.58 2.53
C PRO A 182 -6.67 -19.29 4.00
N LEU A 183 -6.64 -20.36 4.79
CA LEU A 183 -6.35 -20.23 6.21
C LEU A 183 -5.02 -19.56 6.52
N ASN A 184 -4.08 -19.64 5.59
CA ASN A 184 -2.75 -19.04 5.80
C ASN A 184 -2.60 -17.68 5.16
N PHE A 185 -3.72 -17.10 4.72
CA PHE A 185 -3.68 -15.82 3.99
C PHE A 185 -2.91 -14.73 4.72
N SER A 186 -3.10 -14.63 6.03
CA SER A 186 -2.54 -13.53 6.81
C SER A 186 -1.16 -13.85 7.40
N CYS A 187 -0.59 -14.99 7.01
CA CYS A 187 0.78 -15.35 7.39
C CYS A 187 1.79 -14.59 6.50
N ASP A 188 2.84 -14.03 7.10
CA ASP A 188 3.86 -13.32 6.34
C ASP A 188 5.22 -13.43 7.03
N SER A 196 13.74 -12.67 -0.38
CA SER A 196 13.54 -11.44 -1.15
C SER A 196 12.47 -11.58 -2.24
N GLY A 197 11.77 -10.48 -2.49
CA GLY A 197 10.82 -10.39 -3.59
C GLY A 197 9.72 -9.39 -3.33
N MET A 198 8.54 -9.69 -3.85
CA MET A 198 7.44 -8.76 -3.79
C MET A 198 6.11 -9.51 -3.84
N GLY A 199 5.24 -9.21 -2.89
CA GLY A 199 3.88 -9.70 -2.98
C GLY A 199 3.01 -8.79 -3.83
N ILE A 200 2.12 -9.37 -4.61
CA ILE A 200 1.15 -8.60 -5.38
C ILE A 200 -0.24 -9.15 -5.12
N ILE A 201 -1.11 -8.31 -4.58
CA ILE A 201 -2.52 -8.64 -4.46
C ILE A 201 -3.27 -7.76 -5.45
N LYS A 202 -4.03 -8.39 -6.33
CA LYS A 202 -4.85 -7.63 -7.28
C LYS A 202 -6.30 -7.87 -6.91
N VAL A 203 -7.03 -6.78 -6.69
CA VAL A 203 -8.44 -6.83 -6.34
C VAL A 203 -9.20 -6.15 -7.49
N GLN A 204 -10.26 -6.79 -7.98
CA GLN A 204 -11.11 -6.15 -8.99
C GLN A 204 -12.44 -5.83 -8.34
N PHE A 205 -12.95 -4.64 -8.61
CA PHE A 205 -14.25 -4.20 -8.13
C PHE A 205 -15.20 -4.11 -9.33
N PHE A 206 -16.14 -5.05 -9.44
CA PHE A 206 -17.10 -5.07 -10.55
C PHE A 206 -18.41 -4.44 -10.08
N PRO A 207 -18.80 -3.32 -10.67
CA PRO A 207 -20.02 -2.67 -10.18
C PRO A 207 -21.26 -3.53 -10.39
N ARG A 208 -22.09 -3.61 -9.36
CA ARG A 208 -23.33 -4.36 -9.43
C ARG A 208 -24.33 -3.68 -10.34
N ASP A 209 -25.17 -4.50 -11.00
CA ASP A 209 -26.29 -4.00 -11.80
C ASP A 209 -25.82 -3.04 -12.90
N SER A 210 -24.85 -3.54 -13.67
CA SER A 210 -24.23 -2.79 -14.77
C SER A 210 -24.24 -3.63 -16.04
N PRO A 218 -17.37 -7.83 -18.45
CA PRO A 218 -17.57 -6.87 -17.38
C PRO A 218 -16.34 -5.99 -17.15
N VAL A 219 -16.57 -4.77 -16.66
CA VAL A 219 -15.53 -3.76 -16.51
C VAL A 219 -15.31 -3.46 -15.03
N PRO A 220 -14.12 -3.83 -14.51
CA PRO A 220 -13.83 -3.49 -13.12
C PRO A 220 -12.90 -2.29 -12.91
N VAL A 221 -12.88 -1.76 -11.69
CA VAL A 221 -11.79 -0.90 -11.23
C VAL A 221 -10.79 -1.83 -10.57
N ASP A 222 -9.51 -1.67 -10.94
CA ASP A 222 -8.44 -2.52 -10.43
C ASP A 222 -7.71 -1.82 -9.30
N PHE A 223 -7.43 -2.60 -8.25
CA PHE A 223 -6.61 -2.14 -7.12
C PHE A 223 -5.46 -3.12 -6.91
N TYR A 224 -4.24 -2.59 -6.70
CA TYR A 224 -3.07 -3.43 -6.48
C TYR A 224 -2.46 -3.11 -5.13
N PHE A 225 -2.31 -4.14 -4.30
CA PHE A 225 -1.61 -4.01 -3.03
C PHE A 225 -0.25 -4.68 -3.17
N ILE A 226 0.80 -3.87 -3.11
CA ILE A 226 2.16 -4.34 -3.31
C ILE A 226 2.84 -4.41 -1.94
N GLU A 227 3.41 -5.57 -1.60
CA GLU A 227 4.13 -5.73 -0.34
C GLU A 227 5.61 -5.92 -0.62
N LEU A 228 6.40 -4.97 -0.13
CA LEU A 228 7.85 -5.09 -0.16
C LEU A 228 8.27 -5.15 1.30
N ASN A 229 8.40 -6.36 1.84
CA ASN A 229 8.34 -6.53 3.31
C ASN A 229 9.65 -6.95 3.97
N ASN A 230 10.75 -6.76 3.23
CA ASN A 230 12.09 -6.83 3.83
C ASN A 230 13.05 -5.87 3.13
N LEU A 231 14.19 -5.56 3.77
CA LEU A 231 15.08 -4.52 3.25
C LEU A 231 15.59 -4.82 1.85
N LYS A 232 15.92 -6.08 1.60
CA LYS A 232 16.40 -6.47 0.27
C LYS A 232 15.38 -6.12 -0.81
N SER A 233 14.10 -6.45 -0.55
CA SER A 233 13.03 -6.17 -1.50
C SER A 233 12.90 -4.66 -1.72
N ILE A 234 12.95 -3.91 -0.62
CA ILE A 234 12.85 -2.45 -0.70
C ILE A 234 14.00 -1.83 -1.52
N GLU A 235 15.19 -2.40 -1.36
CA GLU A 235 16.36 -1.94 -2.08
C GLU A 235 16.30 -2.26 -3.55
N GLN A 236 15.71 -3.41 -3.88
CA GLN A 236 15.45 -3.78 -5.26
C GLN A 236 14.49 -2.78 -5.91
N PHE A 237 13.44 -2.39 -5.19
CA PHE A 237 12.57 -1.31 -5.63
C PHE A 237 13.37 -0.03 -5.87
N ASP A 238 14.20 0.33 -4.91
CA ASP A 238 14.98 1.57 -5.03
C ASP A 238 15.91 1.54 -6.24
N LYS A 239 16.64 0.44 -6.38
CA LYS A 239 17.58 0.24 -7.50
C LYS A 239 16.85 0.22 -8.82
N SER A 240 15.80 -0.58 -8.90
CA SER A 240 15.06 -0.79 -10.16
C SER A 240 14.23 0.41 -10.60
N ILE A 241 13.84 1.28 -9.66
CA ILE A 241 13.04 2.46 -9.96
C ILE A 241 13.85 3.76 -10.05
N PHE A 242 14.70 4.01 -9.04
CA PHE A 242 15.40 5.29 -8.95
C PHE A 242 16.86 5.27 -9.45
N LYS A 243 17.48 4.10 -9.46
CA LYS A 243 18.91 4.00 -9.81
C LYS A 243 19.17 3.54 -11.25
N LYS A 244 18.68 2.35 -11.61
CA LYS A 244 18.94 1.77 -12.93
C LYS A 244 18.22 2.51 -14.04
N SER A 246 17.08 1.46 -17.23
CA SER A 246 15.76 0.87 -17.38
C SER A 246 15.78 -0.63 -17.08
N CYS A 247 15.53 -0.96 -15.82
CA CYS A 247 15.52 -2.35 -15.34
C CYS A 247 14.29 -3.09 -15.86
N GLU A 248 14.46 -4.35 -16.22
CA GLU A 248 13.41 -5.09 -16.93
C GLU A 248 13.05 -6.44 -16.27
N THR A 249 13.42 -6.61 -15.00
CA THR A 249 12.96 -7.76 -14.23
C THR A 249 11.43 -7.68 -14.05
N PRO A 250 10.75 -8.83 -13.90
CA PRO A 250 9.30 -8.83 -13.62
C PRO A 250 8.93 -7.81 -12.54
N ILE A 251 9.66 -7.80 -11.42
CA ILE A 251 9.41 -6.88 -10.33
C ILE A 251 9.51 -5.41 -10.75
N ALA A 252 10.60 -5.06 -11.44
CA ALA A 252 10.78 -3.67 -11.88
C ALA A 252 9.70 -3.26 -12.86
N LEU A 253 9.32 -4.18 -13.75
CA LEU A 253 8.28 -3.91 -14.74
C LEU A 253 6.90 -3.68 -14.08
N VAL A 254 6.58 -4.49 -13.08
CA VAL A 254 5.34 -4.28 -12.30
C VAL A 254 5.31 -2.89 -11.64
N LEU A 255 6.38 -2.56 -10.92
CA LEU A 255 6.47 -1.30 -10.20
C LEU A 255 6.43 -0.11 -11.16
N LYS A 256 7.16 -0.20 -12.26
CA LYS A 256 7.13 0.87 -13.24
C LYS A 256 5.74 1.06 -13.83
N LYS A 257 5.08 -0.05 -14.13
CA LYS A 257 3.73 -0.01 -14.68
C LYS A 257 2.74 0.63 -13.72
N LEU A 258 2.80 0.24 -12.44
CA LEU A 258 1.87 0.80 -11.48
C LEU A 258 2.08 2.29 -11.22
N ILE A 259 3.34 2.68 -11.12
CA ILE A 259 3.67 4.09 -10.86
C ILE A 259 3.23 4.97 -12.06
N SER A 260 3.43 4.47 -13.27
CA SER A 260 3.10 5.26 -14.45
C SER A 260 1.61 5.31 -14.80
N ASP A 261 0.90 4.21 -14.53
CA ASP A 261 -0.43 4.01 -15.11
C ASP A 261 -1.57 3.83 -14.12
N THR A 262 -1.27 3.88 -12.81
CA THR A 262 -2.30 3.82 -11.78
C THR A 262 -2.04 4.92 -10.76
N LYS A 263 -3.07 5.27 -9.98
CA LYS A 263 -2.90 6.18 -8.86
C LYS A 263 -2.16 5.43 -7.76
N SER A 264 -1.19 6.10 -7.13
CA SER A 264 -0.35 5.46 -6.11
C SER A 264 -0.49 6.02 -4.70
N PHE A 265 -0.23 5.14 -3.73
CA PHE A 265 -0.19 5.52 -2.33
C PHE A 265 0.95 4.73 -1.73
N PHE A 266 2.05 5.40 -1.37
CA PHE A 266 3.17 4.70 -0.73
C PHE A 266 3.00 4.76 0.78
N LEU A 267 3.18 3.60 1.42
CA LEU A 267 3.06 3.48 2.86
C LEU A 267 4.39 2.92 3.38
N LEU A 268 5.06 3.71 4.23
CA LEU A 268 6.34 3.28 4.78
C LEU A 268 6.15 2.91 6.24
N ASN A 269 6.32 1.64 6.54
CA ASN A 269 6.10 1.13 7.89
C ASN A 269 7.40 1.14 8.64
N LEU A 270 7.52 2.05 9.61
CA LEU A 270 8.78 2.29 10.30
C LEU A 270 8.69 1.74 11.72
N ASN A 271 9.35 0.62 11.96
CA ASN A 271 9.26 -0.04 13.25
C ASN A 271 10.57 -0.72 13.60
N ASP A 272 11.64 -0.26 12.95
CA ASP A 272 12.90 -0.99 12.90
C ASP A 272 14.05 0.02 12.88
N SER A 273 14.69 0.20 14.04
CA SER A 273 15.75 1.20 14.13
C SER A 273 16.89 1.03 13.12
N LYS A 274 17.35 -0.21 12.91
CA LYS A 274 18.50 -0.43 12.04
C LYS A 274 18.24 -0.03 10.59
N ASN A 275 16.99 -0.10 10.17
CA ASN A 275 16.62 0.20 8.78
C ASN A 275 15.95 1.54 8.54
N VAL A 276 15.68 2.30 9.59
CA VAL A 276 14.89 3.52 9.44
C VAL A 276 15.53 4.58 8.52
N ASN A 277 16.85 4.75 8.59
CA ASN A 277 17.49 5.80 7.81
C ASN A 277 17.40 5.60 6.28
N LYS A 278 17.53 4.34 5.84
CA LYS A 278 17.38 3.98 4.44
C LYS A 278 15.95 4.22 3.96
N LEU A 279 14.98 3.83 4.78
CA LEU A 279 13.57 4.05 4.45
C LEU A 279 13.23 5.55 4.40
N LEU A 280 13.82 6.35 5.29
CA LEU A 280 13.65 7.80 5.18
C LEU A 280 14.23 8.32 3.87
N THR A 281 15.43 7.87 3.50
CA THR A 281 16.01 8.28 2.22
C THR A 281 15.09 7.94 1.03
N ILE A 282 14.54 6.74 1.04
CA ILE A 282 13.65 6.29 -0.03
C ILE A 282 12.40 7.15 -0.08
N SER A 283 11.88 7.52 1.09
CA SER A 283 10.70 8.37 1.18
C SER A 283 10.93 9.70 0.45
N GLU A 284 12.16 10.22 0.52
CA GLU A 284 12.46 11.45 -0.22
C GLU A 284 12.48 11.27 -1.75
N GLU A 285 13.01 10.14 -2.21
CA GLU A 285 13.03 9.82 -3.64
C GLU A 285 11.62 9.61 -4.20
N VAL A 286 10.77 8.93 -3.41
CA VAL A 286 9.38 8.73 -3.81
C VAL A 286 8.69 10.05 -4.10
N GLN A 287 8.90 11.02 -3.22
CA GLN A 287 8.16 12.29 -3.26
C GLN A 287 8.81 13.37 -4.12
N THR A 288 10.00 13.10 -4.67
CA THR A 288 10.70 14.09 -5.51
C THR A 288 11.01 13.62 -6.93
N GLN A 289 11.13 12.31 -7.12
CA GLN A 289 11.58 11.77 -8.40
C GLN A 289 10.45 11.11 -9.22
N LEU A 290 9.24 11.10 -8.65
CA LEU A 290 8.07 10.54 -9.32
C LEU A 290 6.99 11.61 -9.54
N CYS A 291 6.53 12.24 -8.45
CA CYS A 291 5.50 13.28 -8.52
C CYS A 291 5.17 13.69 -9.95
C1 EDO B . 3.37 0.21 11.27
O1 EDO B . 2.72 -0.89 10.62
C2 EDO B . 4.75 -0.25 11.77
O2 EDO B . 4.73 -1.68 11.93
#